data_8HBN
#
_entry.id   8HBN
#
_cell.length_a   1.00
_cell.length_b   1.00
_cell.length_c   1.00
_cell.angle_alpha   90.00
_cell.angle_beta   90.00
_cell.angle_gamma   90.00
#
_symmetry.space_group_name_H-M   'P 1'
#
loop_
_entity.id
_entity.type
_entity.pdbx_description
1 polymer 'mRNA export factor MEX67'
2 polymer 'mRNA transport regulator MTR2'
#
loop_
_entity_poly.entity_id
_entity_poly.type
_entity_poly.pdbx_seq_one_letter_code
_entity_poly.pdbx_strand_id
1 'polypeptide(L)'
;MSGFHNVGNINMMAQQQMQQNRIKISVRNWQNATMNDLINFISRNARVAVYDAHVEGPLVIGYVNSKAEAESLMKWNGVR
FAGSNLKFELLDNNGASAGTSDTISFLRGVLLKRYDPQTKLLNLGALHSDPELIQKGVFSSISTQSKMFPAMMKLASTEK
SLIVESVNLADNQLKDISAISTLAQTFPNLKNLCLANNQIFRFRSLEVWKNKFKDLRELLMTNNPITTDKLYRTEMLRLF
PKLVVLDNVIVRDEQKLQTVYSLPMKIQQFFFENDALGQSSTDFATNFLNLWDNNREQLLNLYSPQSQFSVSVDSTIPPS
TVTDSDQTPAFGYYMSSSRNISKVSSEKSIQQRLSIGQESINSIFKTLPKTKHHLQEQPNEYSMETISYPQINGFVITLH
GFFEETGKPELESNKKTGKNNYQKNRRYNHGYNSTSNNKLSKKSFDRTWVIVPMNNSVIIASDLLTVRAYSTGAWKTASI
AIAQPPQQQASVLPQVASMNPNITTPPQPQPSVVPGGMSIPGAPQGAMVMAPTLQLPPDVQSRLNPVQLELLNKLHLETK
LNAEYTFMLAEQSNWNYEVAIKGFQSSMNGIPREAFVQF
;
A
2 'polypeptide(L)'
;MNTNSNTMVMNDANQAQITATFTKKILAHLDDPDSNKLAQFVQLFNPNNCRIIFNATPFAQATVFLQMWQNQVVQTQHAL
TGVDYHAIPGSGTLICNVNCKVRFDESGRDKMGQDATVPIQPNNTGNRNRPNDMNKPRPLWGPYFGISLQLIIDDRIFRN
DFNGVISGFNYNMVYKPEDSLLKI
;
B
#
# COMPACT_ATOMS: atom_id res chain seq x y z
N SER A 101 37.66 -7.77 15.87
CA SER A 101 38.98 -8.12 16.38
C SER A 101 40.08 -7.37 15.63
N ASP A 102 41.32 -7.53 16.09
CA ASP A 102 42.44 -6.81 15.48
C ASP A 102 42.73 -7.33 14.08
N THR A 103 42.61 -8.64 13.87
CA THR A 103 42.94 -9.26 12.59
C THR A 103 42.06 -8.76 11.45
N ILE A 104 40.76 -8.60 11.69
CA ILE A 104 39.86 -8.13 10.64
C ILE A 104 39.91 -6.61 10.54
N SER A 105 40.39 -5.95 11.59
CA SER A 105 40.34 -4.49 11.69
C SER A 105 41.07 -3.79 10.55
N PHE A 106 42.12 -4.38 9.99
CA PHE A 106 42.84 -3.77 8.88
C PHE A 106 41.95 -3.66 7.64
N LEU A 107 41.15 -4.68 7.35
CA LEU A 107 40.21 -4.62 6.24
C LEU A 107 39.21 -3.50 6.45
N ARG A 108 38.84 -3.23 7.71
CA ARG A 108 38.01 -2.08 8.02
C ARG A 108 38.81 -0.78 7.80
N GLY A 109 40.10 -0.82 8.09
CA GLY A 109 40.91 0.39 7.97
C GLY A 109 41.08 0.86 6.53
N VAL A 110 41.29 -0.09 5.61
CA VAL A 110 41.56 0.28 4.22
C VAL A 110 40.33 0.92 3.59
N LEU A 111 39.13 0.53 4.02
CA LEU A 111 37.92 1.12 3.47
C LEU A 111 37.79 2.58 3.88
N LEU A 112 38.28 2.92 5.07
CA LEU A 112 38.24 4.30 5.53
C LEU A 112 39.11 5.20 4.64
N LYS A 113 40.28 4.70 4.26
CA LYS A 113 41.21 5.51 3.47
C LYS A 113 40.67 5.76 2.06
N ARG A 114 40.03 4.70 1.53
CA ARG A 114 39.52 4.73 0.14
C ARG A 114 38.08 5.22 0.02
N TYR A 115 37.55 5.84 1.05
CA TYR A 115 36.25 6.48 1.01
C TYR A 115 36.41 7.97 1.28
N ASP A 116 35.91 8.80 0.37
CA ASP A 116 36.01 10.25 0.50
C ASP A 116 34.72 10.79 1.08
N PRO A 117 34.74 11.38 2.28
CA PRO A 117 33.46 11.73 2.95
C PRO A 117 32.65 12.82 2.26
N GLN A 118 33.28 13.97 1.98
CA GLN A 118 32.52 15.13 1.51
C GLN A 118 31.90 14.88 0.14
N THR A 119 32.65 14.24 -0.76
CA THR A 119 32.10 13.91 -2.07
C THR A 119 31.21 12.69 -2.05
N LYS A 120 31.13 11.99 -0.92
CA LYS A 120 30.24 10.84 -0.73
C LYS A 120 30.56 9.71 -1.70
N LEU A 121 31.81 9.60 -2.13
CA LEU A 121 32.22 8.63 -3.15
C LEU A 121 33.20 7.63 -2.55
N LEU A 122 33.05 6.37 -2.92
CA LEU A 122 33.95 5.29 -2.49
C LEU A 122 34.73 4.81 -3.70
N ASN A 123 36.02 5.16 -3.75
CA ASN A 123 36.90 4.76 -4.84
C ASN A 123 37.57 3.45 -4.49
N LEU A 124 37.28 2.40 -5.26
CA LEU A 124 37.75 1.06 -4.95
C LEU A 124 38.84 0.55 -5.88
N GLY A 125 39.11 1.25 -6.99
CA GLY A 125 40.11 0.81 -7.95
C GLY A 125 41.50 0.64 -7.38
N ALA A 126 42.26 -0.30 -7.96
CA ALA A 126 43.64 -0.60 -7.53
C ALA A 126 43.68 -0.99 -6.06
N LEU A 127 43.00 -2.11 -5.77
CA LEU A 127 42.92 -2.59 -4.39
C LEU A 127 44.29 -3.04 -3.88
N HIS A 128 45.07 -3.73 -4.72
CA HIS A 128 46.35 -4.28 -4.28
C HIS A 128 47.40 -3.20 -4.06
N SER A 129 47.14 -1.97 -4.49
CA SER A 129 48.12 -0.88 -4.35
C SER A 129 48.04 -0.18 -3.00
N ASP A 130 47.24 -0.69 -2.07
CA ASP A 130 47.11 -0.03 -0.77
C ASP A 130 48.40 -0.17 0.01
N PRO A 131 49.11 0.93 0.33
CA PRO A 131 50.40 0.80 1.02
C PRO A 131 50.30 0.14 2.39
N GLU A 132 49.18 0.36 3.10
CA GLU A 132 49.02 -0.25 4.42
C GLU A 132 48.88 -1.76 4.35
N LEU A 133 48.47 -2.29 3.20
CA LEU A 133 48.31 -3.73 3.07
C LEU A 133 49.65 -4.44 2.79
N ILE A 134 50.63 -3.72 2.26
CA ILE A 134 51.87 -4.34 1.80
C ILE A 134 52.69 -4.92 2.94
N GLN A 135 52.70 -4.30 4.13
CA GLN A 135 53.48 -4.84 5.24
C GLN A 135 53.03 -6.24 5.62
N LYS A 136 51.79 -6.61 5.31
CA LYS A 136 51.36 -8.00 5.47
C LYS A 136 51.96 -8.91 4.40
N GLY A 137 52.22 -8.36 3.21
CA GLY A 137 52.79 -9.14 2.13
C GLY A 137 51.99 -9.04 0.85
N VAL A 138 50.67 -8.96 0.97
CA VAL A 138 49.79 -8.87 -0.19
C VAL A 138 49.14 -7.50 -0.27
N GLN A 145 44.93 -12.47 -4.17
CA GLN A 145 44.11 -13.59 -4.63
C GLN A 145 42.94 -13.13 -5.49
N SER A 146 41.88 -13.93 -5.53
CA SER A 146 40.68 -13.58 -6.28
C SER A 146 39.40 -13.71 -5.47
N LYS A 147 39.48 -13.69 -4.14
CA LYS A 147 38.32 -13.97 -3.30
C LYS A 147 37.94 -12.86 -2.34
N MET A 148 38.63 -11.74 -2.30
CA MET A 148 38.34 -10.79 -1.20
C MET A 148 37.18 -9.88 -1.57
N PHE A 149 36.77 -9.90 -2.82
CA PHE A 149 35.75 -8.94 -3.24
C PHE A 149 34.45 -9.03 -2.45
N PRO A 150 33.89 -10.21 -2.15
CA PRO A 150 32.67 -10.22 -1.33
C PRO A 150 32.86 -9.73 0.10
N ALA A 151 34.11 -9.64 0.58
CA ALA A 151 34.34 -9.35 2.00
C ALA A 151 33.94 -7.92 2.35
N MET A 152 34.59 -7.02 1.67
CA MET A 152 34.32 -5.61 1.95
C MET A 152 32.81 -5.45 2.00
N MET A 153 32.12 -5.81 0.93
CA MET A 153 30.70 -5.52 0.76
C MET A 153 29.92 -5.81 2.03
N LYS A 154 30.23 -6.94 2.69
CA LYS A 154 29.60 -7.24 3.97
C LYS A 154 29.96 -6.20 5.03
N LEU A 155 31.23 -5.80 5.09
CA LEU A 155 31.66 -4.82 6.09
C LEU A 155 31.05 -3.45 5.83
N ALA A 156 30.87 -3.09 4.57
CA ALA A 156 30.34 -1.76 4.24
C ALA A 156 28.94 -1.58 4.80
N SER A 157 28.11 -2.62 4.75
CA SER A 157 26.76 -2.53 5.30
C SER A 157 26.77 -2.39 6.81
N THR A 158 27.72 -3.04 7.49
CA THR A 158 27.73 -3.10 8.94
C THR A 158 28.55 -1.99 9.59
N GLU A 159 29.19 -1.13 8.80
CA GLU A 159 29.92 -0.01 9.38
C GLU A 159 28.99 0.98 10.06
N LYS A 160 27.82 1.23 9.46
CA LYS A 160 26.73 1.98 10.09
C LYS A 160 27.11 3.44 10.33
N SER A 161 28.28 3.86 9.87
CA SER A 161 28.71 5.24 10.09
C SER A 161 28.98 5.99 8.80
N LEU A 162 29.16 5.32 7.66
CA LEU A 162 29.39 5.99 6.39
C LEU A 162 28.27 5.62 5.42
N ILE A 163 27.72 6.62 4.74
CA ILE A 163 26.67 6.42 3.76
C ILE A 163 27.30 6.58 2.38
N VAL A 164 27.12 5.57 1.53
CA VAL A 164 27.67 5.59 0.18
C VAL A 164 26.54 5.62 -0.83
N GLU A 165 26.73 6.44 -1.86
CA GLU A 165 25.78 6.52 -2.97
C GLU A 165 26.51 6.64 -4.31
N SER A 166 27.80 6.54 -4.23
CA SER A 166 28.51 6.51 -5.51
C SER A 166 29.66 5.57 -5.28
N VAL A 167 30.04 4.83 -6.28
CA VAL A 167 31.10 3.83 -6.21
C VAL A 167 31.89 3.85 -7.51
N ASN A 168 33.21 3.95 -7.38
CA ASN A 168 34.13 3.84 -8.51
C ASN A 168 34.82 2.48 -8.42
N LEU A 169 34.81 1.73 -9.52
CA LEU A 169 35.35 0.34 -9.46
C LEU A 169 36.16 0.07 -10.72
N ALA A 170 36.44 1.11 -11.49
CA ALA A 170 37.28 0.95 -12.67
C ALA A 170 38.72 0.60 -12.28
N ASP A 171 39.48 0.12 -13.26
CA ASP A 171 40.89 -0.22 -13.09
C ASP A 171 41.11 -1.29 -12.03
N ASN A 172 40.30 -2.35 -12.07
CA ASN A 172 40.43 -3.47 -11.14
C ASN A 172 40.80 -4.77 -11.83
N GLN A 173 40.90 -4.77 -13.14
CA GLN A 173 41.33 -6.01 -13.82
C GLN A 173 40.27 -7.08 -13.63
N LEU A 174 39.15 -6.85 -14.25
CA LEU A 174 38.14 -7.90 -14.26
C LEU A 174 37.73 -8.22 -15.68
N LYS A 175 37.37 -9.48 -15.90
CA LYS A 175 36.81 -9.94 -17.17
C LYS A 175 35.42 -10.53 -17.02
N ASP A 176 34.99 -10.83 -15.80
CA ASP A 176 33.65 -11.38 -15.55
C ASP A 176 33.08 -10.62 -14.35
N ILE A 177 31.75 -10.55 -14.30
CA ILE A 177 31.07 -9.78 -13.27
C ILE A 177 30.50 -10.63 -12.14
N SER A 178 30.69 -11.95 -12.16
CA SER A 178 30.20 -12.81 -11.08
C SER A 178 30.91 -12.50 -9.77
N ALA A 179 32.13 -11.96 -9.85
CA ALA A 179 32.93 -11.68 -8.66
C ALA A 179 32.31 -10.60 -7.79
N ILE A 180 31.59 -9.68 -8.45
CA ILE A 180 31.07 -8.53 -7.69
C ILE A 180 29.54 -8.64 -7.57
N SER A 181 28.97 -9.79 -7.87
CA SER A 181 27.51 -9.95 -7.93
C SER A 181 26.84 -9.56 -6.63
N THR A 182 27.59 -9.44 -5.53
CA THR A 182 27.02 -9.12 -4.23
C THR A 182 26.77 -7.62 -4.08
N LEU A 183 27.03 -6.85 -5.15
CA LEU A 183 26.82 -5.41 -5.10
C LEU A 183 25.35 -5.07 -4.85
N ALA A 184 24.45 -5.81 -5.50
CA ALA A 184 23.02 -5.53 -5.41
C ALA A 184 22.47 -5.85 -4.03
N GLN A 185 23.17 -6.71 -3.28
CA GLN A 185 22.71 -7.11 -1.95
C GLN A 185 23.12 -6.16 -0.84
N THR A 186 23.99 -5.19 -1.13
CA THR A 186 24.48 -4.27 -0.12
C THR A 186 24.05 -2.83 -0.37
N PHE A 187 24.03 -2.40 -1.63
CA PHE A 187 23.71 -1.02 -1.99
C PHE A 187 22.58 -0.98 -3.02
N PRO A 188 21.34 -1.24 -2.59
CA PRO A 188 20.21 -1.07 -3.50
C PRO A 188 20.01 0.37 -3.96
N ASN A 189 20.54 1.32 -3.19
CA ASN A 189 20.26 2.71 -3.63
C ASN A 189 21.55 3.37 -4.09
N LEU A 190 22.43 2.57 -4.65
CA LEU A 190 23.61 3.09 -5.31
C LEU A 190 23.20 3.93 -6.51
N LYS A 191 23.96 4.98 -6.77
CA LYS A 191 23.55 5.88 -7.85
C LYS A 191 24.74 6.51 -8.54
N ASN A 192 25.64 5.72 -9.11
CA ASN A 192 26.77 6.27 -9.89
C ASN A 192 27.88 5.25 -9.95
N LEU A 193 27.84 4.35 -10.90
CA LEU A 193 28.83 3.27 -10.94
C LEU A 193 29.78 3.52 -12.10
N CYS A 194 31.08 3.37 -11.88
CA CYS A 194 32.10 3.52 -12.91
C CYS A 194 32.96 2.25 -12.93
N LEU A 195 32.64 1.32 -13.84
CA LEU A 195 33.44 0.13 -14.06
C LEU A 195 34.21 0.18 -15.38
N ALA A 196 34.52 1.38 -15.87
CA ALA A 196 35.14 1.55 -17.17
C ALA A 196 36.53 0.90 -17.20
N ASN A 197 37.09 0.84 -18.41
CA ASN A 197 38.41 0.25 -18.66
C ASN A 197 38.42 -1.21 -18.18
N ASN A 198 37.62 -2.05 -18.84
CA ASN A 198 37.54 -3.47 -18.54
C ASN A 198 37.33 -4.23 -19.85
N GLN A 199 37.53 -5.56 -19.78
CA GLN A 199 37.52 -6.41 -20.97
C GLN A 199 36.40 -7.45 -20.91
N ILE A 200 35.21 -7.04 -20.50
CA ILE A 200 34.03 -7.90 -20.54
C ILE A 200 33.47 -7.84 -21.95
N PHE A 201 32.98 -8.99 -22.45
CA PHE A 201 32.57 -9.09 -23.84
C PHE A 201 31.27 -9.89 -24.03
N ARG A 202 30.63 -10.33 -22.97
CA ARG A 202 29.38 -11.10 -23.11
C ARG A 202 28.44 -10.68 -21.99
N PHE A 203 27.17 -11.10 -22.11
CA PHE A 203 26.10 -10.53 -21.29
C PHE A 203 25.59 -11.50 -20.22
N ARG A 204 25.89 -12.80 -20.35
CA ARG A 204 25.37 -13.79 -19.42
C ARG A 204 25.83 -13.54 -17.98
N SER A 205 26.97 -12.87 -17.83
CA SER A 205 27.45 -12.57 -16.48
C SER A 205 26.91 -11.24 -15.98
N LEU A 206 26.35 -10.42 -16.87
CA LEU A 206 25.76 -9.14 -16.49
C LEU A 206 24.25 -9.19 -16.30
N GLU A 207 23.62 -10.34 -16.59
CA GLU A 207 22.16 -10.46 -16.50
C GLU A 207 21.71 -10.59 -15.05
N VAL A 208 22.65 -10.71 -14.12
CA VAL A 208 22.33 -10.91 -12.71
C VAL A 208 21.66 -9.68 -12.09
N TRP A 209 21.76 -8.52 -12.74
CA TRP A 209 21.17 -7.29 -12.23
C TRP A 209 19.87 -6.91 -12.93
N LYS A 210 19.07 -7.90 -13.37
CA LYS A 210 17.78 -7.61 -13.98
C LYS A 210 16.88 -6.84 -13.02
N ASN A 211 16.48 -5.63 -13.43
CA ASN A 211 15.60 -4.72 -12.70
C ASN A 211 16.20 -4.27 -11.37
N LYS A 212 17.48 -4.52 -11.13
CA LYS A 212 18.14 -4.07 -9.91
C LYS A 212 18.84 -2.74 -10.16
N PHE A 213 19.33 -2.13 -9.08
CA PHE A 213 19.96 -0.82 -9.13
C PHE A 213 19.05 0.21 -9.77
N LYS A 214 17.77 0.19 -9.38
CA LYS A 214 16.80 1.10 -9.96
C LYS A 214 17.13 2.55 -9.66
N ASP A 215 17.64 2.83 -8.45
CA ASP A 215 17.99 4.20 -8.10
C ASP A 215 19.18 4.70 -8.90
N LEU A 216 20.01 3.78 -9.41
CA LEU A 216 21.16 4.18 -10.20
C LEU A 216 20.73 4.82 -11.51
N ARG A 217 21.39 5.99 -11.75
CA ARG A 217 21.02 6.94 -12.81
C ARG A 217 22.22 7.60 -13.46
N GLU A 218 23.41 7.12 -13.23
CA GLU A 218 24.62 7.54 -13.92
C GLU A 218 25.60 6.38 -13.99
N LEU A 219 26.23 6.23 -15.15
CA LEU A 219 27.14 5.11 -15.36
C LEU A 219 28.19 5.46 -16.41
N LEU A 220 29.46 5.21 -16.10
CA LEU A 220 30.56 5.42 -17.02
C LEU A 220 31.21 4.08 -17.33
N MET A 221 31.17 3.69 -18.60
CA MET A 221 31.72 2.40 -19.03
C MET A 221 32.56 2.64 -20.30
N THR A 222 33.37 3.69 -20.26
CA THR A 222 34.20 4.05 -21.41
C THR A 222 35.27 3.01 -21.65
N ASN A 223 35.72 2.91 -22.90
CA ASN A 223 36.78 2.02 -23.36
C ASN A 223 36.46 0.54 -23.19
N ASN A 224 35.18 0.18 -22.99
CA ASN A 224 34.86 -1.24 -22.92
C ASN A 224 34.48 -1.75 -24.31
N PRO A 225 34.80 -3.02 -24.61
CA PRO A 225 34.46 -3.56 -25.93
C PRO A 225 32.97 -3.60 -26.21
N ILE A 226 32.14 -3.59 -25.17
CA ILE A 226 30.69 -3.66 -25.36
C ILE A 226 30.18 -2.41 -26.07
N THR A 227 30.89 -1.29 -25.92
CA THR A 227 30.42 -0.02 -26.46
C THR A 227 30.33 0.01 -27.98
N THR A 228 31.06 -0.87 -28.68
CA THR A 228 31.07 -0.82 -30.14
C THR A 228 29.84 -1.49 -30.75
N ASP A 229 29.08 -2.27 -29.97
CA ASP A 229 27.96 -2.99 -30.53
C ASP A 229 26.80 -2.05 -30.85
N LYS A 230 25.98 -2.46 -31.82
CA LYS A 230 24.78 -1.71 -32.17
C LYS A 230 23.67 -1.94 -31.15
N LEU A 231 23.60 -3.16 -30.61
CA LEU A 231 22.60 -3.48 -29.58
C LEU A 231 22.90 -2.82 -28.24
N TYR A 232 24.07 -2.20 -28.08
CA TYR A 232 24.53 -1.56 -26.85
C TYR A 232 23.45 -0.73 -26.17
N ARG A 233 22.61 -0.07 -26.96
CA ARG A 233 21.59 0.81 -26.39
C ARG A 233 20.48 0.01 -25.70
N THR A 234 20.06 -1.09 -26.31
CA THR A 234 18.83 -1.77 -25.92
C THR A 234 18.88 -2.37 -24.52
N GLU A 235 19.98 -3.02 -24.14
CA GLU A 235 19.98 -3.83 -22.92
C GLU A 235 19.83 -3.00 -21.65
N MET A 236 20.55 -1.89 -21.67
CA MET A 236 20.48 -1.04 -20.49
C MET A 236 19.06 -0.56 -20.34
N LEU A 237 18.47 -0.16 -21.43
CA LEU A 237 17.16 0.47 -21.43
C LEU A 237 16.13 -0.31 -20.62
N ARG A 238 16.39 -1.59 -20.37
CA ARG A 238 15.48 -2.39 -19.54
C ARG A 238 16.18 -2.77 -18.24
N LEU A 239 17.50 -2.95 -18.28
CA LEU A 239 18.27 -3.31 -17.10
C LEU A 239 18.19 -2.22 -16.03
N PHE A 240 18.33 -0.96 -16.46
CA PHE A 240 18.25 0.18 -15.56
C PHE A 240 17.19 1.13 -16.08
N PRO A 241 15.93 0.95 -15.65
CA PRO A 241 14.85 1.79 -16.19
C PRO A 241 15.00 3.26 -15.88
N LYS A 242 15.61 3.62 -14.74
CA LYS A 242 15.75 5.01 -14.35
C LYS A 242 17.08 5.61 -14.77
N LEU A 243 17.90 4.83 -15.44
CA LEU A 243 19.13 5.43 -15.95
C LEU A 243 18.75 6.67 -16.74
N VAL A 244 19.61 7.70 -16.76
CA VAL A 244 19.38 8.91 -17.53
C VAL A 244 20.63 9.26 -18.35
N VAL A 245 21.80 9.09 -17.75
CA VAL A 245 23.05 9.43 -18.39
C VAL A 245 23.93 8.19 -18.48
N LEU A 246 24.35 7.86 -19.71
CA LEU A 246 25.25 6.75 -19.95
C LEU A 246 26.33 7.19 -20.91
N ASP A 247 27.59 6.88 -20.57
CA ASP A 247 28.74 7.28 -21.38
C ASP A 247 28.78 8.78 -21.58
N ASN A 248 28.36 9.53 -20.55
CA ASN A 248 28.33 10.99 -20.55
C ASN A 248 27.46 11.57 -21.67
N VAL A 249 26.52 10.78 -22.19
CA VAL A 249 25.56 11.27 -23.18
C VAL A 249 24.16 10.96 -22.66
N ILE A 250 23.25 11.92 -22.84
CA ILE A 250 21.89 11.75 -22.36
C ILE A 250 21.15 10.77 -23.25
N VAL A 251 20.51 9.78 -22.63
CA VAL A 251 19.76 8.76 -23.36
C VAL A 251 18.28 8.76 -22.96
N ARG A 252 17.91 9.58 -21.99
CA ARG A 252 16.53 9.65 -21.53
C ARG A 252 16.23 11.09 -21.10
N ASP A 253 15.03 11.58 -21.17
CA ASP A 253 14.85 13.02 -20.86
C ASP A 253 14.59 13.29 -19.38
N GLU A 254 15.58 13.02 -18.54
CA GLU A 254 15.42 13.32 -17.11
C GLU A 254 13.96 13.41 -16.70
N GLN A 255 13.54 14.56 -16.21
CA GLN A 255 12.17 14.65 -15.64
C GLN A 255 11.18 13.82 -16.45
N LYS A 256 11.17 13.92 -17.78
CA LYS A 256 10.10 13.19 -18.49
C LYS A 256 10.02 11.90 -17.76
N LEU A 257 11.18 11.36 -17.42
CA LEU A 257 11.20 10.14 -16.60
C LEU A 257 10.45 10.48 -15.33
N GLN A 258 11.04 11.26 -14.45
CA GLN A 258 10.38 11.43 -13.15
C GLN A 258 9.01 12.10 -13.25
N THR A 259 8.32 12.02 -14.37
CA THR A 259 6.90 12.48 -14.37
C THR A 259 6.04 11.22 -14.48
N VAL A 260 6.63 10.13 -14.95
CA VAL A 260 5.90 8.85 -15.03
C VAL A 260 6.06 8.22 -13.67
N TYR A 261 7.26 7.85 -13.31
CA TYR A 261 7.48 7.12 -12.05
C TYR A 261 7.23 7.97 -10.78
N SER A 262 6.27 8.89 -10.70
CA SER A 262 5.93 9.55 -9.45
C SER A 262 4.65 10.35 -9.63
N LEU A 263 3.63 10.13 -8.79
CA LEU A 263 2.41 10.96 -8.91
C LEU A 263 2.81 12.39 -8.54
N PRO A 264 2.04 13.45 -8.89
CA PRO A 264 2.36 14.88 -8.76
C PRO A 264 2.01 15.49 -7.41
N MET A 265 1.73 14.68 -6.39
CA MET A 265 1.63 15.23 -5.04
C MET A 265 2.20 14.25 -4.02
N LYS A 266 2.00 14.62 -2.77
CA LYS A 266 2.62 13.83 -1.71
C LYS A 266 1.57 13.42 -0.71
N ILE A 267 1.71 12.21 -0.21
CA ILE A 267 0.64 11.70 0.65
C ILE A 267 0.55 12.51 1.93
N GLN A 268 -0.67 12.89 2.28
CA GLN A 268 -0.97 13.62 3.52
C GLN A 268 -1.61 12.66 4.50
N GLN A 269 -1.21 12.72 5.76
CA GLN A 269 -1.68 11.76 6.76
C GLN A 269 -2.95 12.25 7.44
N PHE A 270 -3.25 13.54 7.40
CA PHE A 270 -4.53 14.04 7.94
C PHE A 270 -5.16 15.05 7.00
N PHE A 271 -6.48 15.14 7.00
CA PHE A 271 -7.25 16.04 6.15
C PHE A 271 -8.60 16.32 6.79
N PHE A 272 -9.05 17.57 6.67
CA PHE A 272 -10.34 18.01 7.16
C PHE A 272 -10.62 19.40 6.63
N GLU A 273 -11.91 19.73 6.45
CA GLU A 273 -12.27 20.99 5.81
C GLU A 273 -11.93 22.19 6.70
N ASN A 274 -12.23 22.11 7.99
CA ASN A 274 -12.02 23.22 8.89
C ASN A 274 -11.40 22.72 10.18
N ASP A 275 -10.75 23.64 10.90
CA ASP A 275 -10.13 23.29 12.17
C ASP A 275 -11.16 22.85 13.20
N ALA A 276 -12.29 23.56 13.26
CA ALA A 276 -13.32 23.24 14.24
C ALA A 276 -13.89 21.84 14.03
N LEU A 277 -14.16 21.46 12.77
CA LEU A 277 -14.70 20.13 12.50
C LEU A 277 -13.64 19.06 12.70
N GLY A 278 -12.44 19.29 12.16
CA GLY A 278 -11.40 18.27 12.21
C GLY A 278 -10.95 17.96 13.63
N GLN A 279 -10.72 19.00 14.43
CA GLN A 279 -10.22 18.80 15.79
C GLN A 279 -11.29 18.14 16.68
N SER A 280 -12.56 18.48 16.43
CA SER A 280 -13.64 17.88 17.20
C SER A 280 -13.72 16.38 16.94
N SER A 281 -13.43 15.94 15.71
CA SER A 281 -13.45 14.52 15.41
C SER A 281 -12.39 13.77 16.20
N THR A 282 -11.19 14.35 16.33
CA THR A 282 -10.16 13.73 17.15
C THR A 282 -10.60 13.63 18.60
N ASP A 283 -11.31 14.65 19.09
CA ASP A 283 -11.88 14.58 20.43
C ASP A 283 -12.88 13.44 20.53
N PHE A 284 -13.70 13.24 19.50
CA PHE A 284 -14.60 12.09 19.47
C PHE A 284 -13.80 10.80 19.44
N ALA A 285 -12.79 10.72 18.57
CA ALA A 285 -12.03 9.48 18.41
C ALA A 285 -11.32 9.10 19.70
N THR A 286 -10.75 10.08 20.40
CA THR A 286 -10.09 9.81 21.68
C THR A 286 -11.10 9.33 22.71
N ASN A 287 -12.27 9.98 22.77
CA ASN A 287 -13.32 9.54 23.69
C ASN A 287 -13.81 8.14 23.33
N PHE A 288 -13.95 7.89 22.03
CA PHE A 288 -14.51 6.62 21.57
C PHE A 288 -13.55 5.46 21.81
N LEU A 289 -12.27 5.65 21.47
CA LEU A 289 -11.33 4.54 21.52
C LEU A 289 -10.90 4.21 22.95
N ASN A 290 -10.70 5.22 23.79
CA ASN A 290 -10.26 4.94 25.15
C ASN A 290 -11.34 4.22 25.95
N LEU A 291 -12.60 4.55 25.69
CA LEU A 291 -13.70 3.83 26.30
C LEU A 291 -13.83 2.42 25.72
N TRP A 292 -13.45 2.27 24.45
CA TRP A 292 -13.50 0.97 23.77
C TRP A 292 -12.67 -0.08 24.49
N ASP A 293 -11.45 0.28 24.87
CA ASP A 293 -10.56 -0.69 25.51
C ASP A 293 -11.00 -1.02 26.93
N ASN A 294 -11.52 -0.03 27.66
CA ASN A 294 -11.73 -0.18 29.10
C ASN A 294 -13.10 -0.76 29.45
N ASN A 295 -14.17 -0.25 28.84
CA ASN A 295 -15.53 -0.59 29.25
C ASN A 295 -16.43 -0.63 28.01
N ARG A 296 -16.89 -1.83 27.66
CA ARG A 296 -17.80 -1.97 26.52
C ARG A 296 -19.22 -1.52 26.84
N GLU A 297 -19.59 -1.48 28.12
CA GLU A 297 -20.98 -1.28 28.50
C GLU A 297 -21.49 0.14 28.24
N GLN A 298 -20.63 1.14 28.43
CA GLN A 298 -21.06 2.54 28.43
C GLN A 298 -21.42 3.03 27.04
N LEU A 299 -20.87 2.44 25.97
CA LEU A 299 -20.99 3.04 24.65
C LEU A 299 -22.39 2.90 24.05
N LEU A 300 -23.28 2.16 24.71
CA LEU A 300 -24.62 1.95 24.16
C LEU A 300 -25.37 3.26 23.99
N ASN A 301 -25.16 4.22 24.90
CA ASN A 301 -25.87 5.49 24.86
C ASN A 301 -25.59 6.29 23.60
N LEU A 302 -24.48 6.02 22.91
CA LEU A 302 -24.21 6.66 21.63
C LEU A 302 -24.82 5.90 20.45
N TYR A 303 -25.48 4.78 20.70
CA TYR A 303 -26.04 3.96 19.65
C TYR A 303 -27.57 4.05 19.67
N SER A 304 -28.14 4.33 18.50
CA SER A 304 -29.57 4.43 18.29
C SER A 304 -30.17 3.06 18.02
N PRO A 305 -31.47 2.88 18.27
CA PRO A 305 -32.12 1.63 17.84
C PRO A 305 -32.01 1.39 16.34
N GLN A 306 -31.92 2.47 15.55
CA GLN A 306 -31.73 2.35 14.11
C GLN A 306 -30.29 2.07 13.71
N SER A 307 -29.33 2.21 14.62
CA SER A 307 -27.93 2.05 14.26
C SER A 307 -27.63 0.59 13.90
N GLN A 308 -26.73 0.40 12.95
CA GLN A 308 -26.34 -0.91 12.48
C GLN A 308 -24.82 -1.04 12.46
N PHE A 309 -24.34 -2.23 12.81
CA PHE A 309 -22.92 -2.49 12.91
C PHE A 309 -22.58 -3.80 12.21
N SER A 310 -21.38 -3.85 11.62
CA SER A 310 -20.93 -5.04 10.90
C SER A 310 -19.42 -5.13 11.01
N VAL A 311 -18.91 -6.33 10.79
CA VAL A 311 -17.49 -6.61 10.84
C VAL A 311 -17.05 -7.19 9.50
N SER A 312 -15.99 -6.64 8.94
CA SER A 312 -15.43 -7.10 7.68
C SER A 312 -13.99 -7.52 7.91
N VAL A 313 -13.62 -8.67 7.34
CA VAL A 313 -12.28 -9.23 7.50
C VAL A 313 -11.65 -9.42 6.13
N ASP A 314 -10.44 -8.90 5.96
CA ASP A 314 -9.68 -9.06 4.73
C ASP A 314 -8.59 -10.09 4.99
N SER A 315 -8.57 -11.15 4.19
CA SER A 315 -7.68 -12.28 4.41
C SER A 315 -6.46 -12.29 3.50
N THR A 316 -6.20 -11.21 2.77
CA THR A 316 -5.05 -11.19 1.87
C THR A 316 -3.75 -11.17 2.66
N ILE A 317 -2.72 -11.77 2.08
CA ILE A 317 -1.39 -11.80 2.68
C ILE A 317 -0.58 -10.63 2.12
N PRO A 318 -0.07 -9.75 2.97
CA PRO A 318 0.73 -8.61 2.46
C PRO A 318 2.01 -9.10 1.81
N PRO A 319 2.50 -8.39 0.80
CA PRO A 319 3.75 -8.80 0.15
C PRO A 319 4.92 -8.74 1.13
N SER A 320 5.88 -9.63 0.91
CA SER A 320 7.05 -9.73 1.77
C SER A 320 7.92 -8.48 1.75
N THR A 321 7.85 -7.68 0.69
CA THR A 321 8.67 -6.47 0.59
C THR A 321 8.20 -5.37 1.53
N VAL A 322 6.99 -5.44 2.05
CA VAL A 322 6.48 -4.45 2.99
C VAL A 322 7.22 -4.59 4.31
N THR A 323 7.71 -3.46 4.84
CA THR A 323 8.47 -3.50 6.08
C THR A 323 7.57 -3.92 7.25
N ASP A 324 8.12 -4.78 8.11
CA ASP A 324 7.41 -5.32 9.27
C ASP A 324 6.06 -5.92 8.86
N SER A 325 6.07 -6.68 7.77
CA SER A 325 4.87 -7.36 7.32
C SER A 325 4.59 -8.57 8.20
N ASP A 326 3.30 -8.85 8.42
CA ASP A 326 2.87 -10.01 9.20
C ASP A 326 2.54 -11.14 8.24
N GLN A 327 3.39 -12.17 8.23
CA GLN A 327 3.21 -13.29 7.31
C GLN A 327 2.43 -14.44 7.91
N THR A 328 2.02 -14.36 9.17
CA THR A 328 1.20 -15.38 9.82
C THR A 328 0.04 -14.70 10.53
N PRO A 329 -0.96 -14.23 9.78
CA PRO A 329 -2.14 -13.62 10.42
C PRO A 329 -3.01 -14.68 11.07
N ALA A 330 -3.89 -14.26 11.99
CA ALA A 330 -4.78 -15.22 12.66
C ALA A 330 -6.09 -14.52 12.96
N PHE A 331 -7.08 -14.71 12.10
CA PHE A 331 -8.39 -14.09 12.24
C PHE A 331 -9.44 -15.06 12.76
N GLY A 332 -9.07 -15.94 13.69
CA GLY A 332 -9.95 -16.99 14.15
C GLY A 332 -11.26 -16.53 14.77
N TYR A 333 -11.19 -15.53 15.66
CA TYR A 333 -12.40 -15.07 16.35
C TYR A 333 -13.29 -14.21 15.47
N TYR A 334 -12.75 -13.66 14.38
CA TYR A 334 -13.55 -12.77 13.53
C TYR A 334 -14.20 -13.48 12.35
N MET A 335 -13.94 -14.75 12.10
CA MET A 335 -14.50 -15.35 10.85
C MET A 335 -15.87 -15.97 11.10
N SER A 336 -16.34 -16.04 12.34
CA SER A 336 -17.74 -16.35 12.61
C SER A 336 -18.65 -15.13 12.55
N SER A 337 -18.09 -13.92 12.60
CA SER A 337 -18.88 -12.70 12.55
C SER A 337 -18.52 -11.78 11.40
N SER A 338 -17.66 -12.22 10.48
CA SER A 338 -17.24 -11.38 9.36
C SER A 338 -18.37 -11.28 8.34
N ARG A 339 -18.68 -10.06 7.92
CA ARG A 339 -19.69 -9.79 6.90
C ARG A 339 -18.97 -9.25 5.66
N ASN A 340 -18.53 -10.16 4.79
CA ASN A 340 -17.86 -9.79 3.55
C ASN A 340 -18.72 -10.26 2.39
N ILE A 341 -19.09 -9.34 1.51
CA ILE A 341 -19.99 -9.67 0.42
C ILE A 341 -19.30 -10.57 -0.60
N SER A 342 -18.08 -10.21 -0.99
CA SER A 342 -17.38 -10.96 -2.04
C SER A 342 -16.72 -12.23 -1.53
N LYS A 343 -16.57 -12.39 -0.22
CA LYS A 343 -15.90 -13.57 0.33
C LYS A 343 -16.86 -14.73 0.49
N VAL A 344 -17.96 -14.51 1.20
CA VAL A 344 -18.96 -15.55 1.46
C VAL A 344 -20.12 -15.31 0.51
N SER A 345 -20.61 -16.38 -0.11
CA SER A 345 -21.73 -16.31 -1.03
C SER A 345 -23.04 -16.82 -0.43
N SER A 346 -23.00 -17.29 0.82
CA SER A 346 -24.21 -17.76 1.50
C SER A 346 -25.02 -16.54 1.92
N GLU A 347 -25.98 -16.16 1.11
CA GLU A 347 -26.70 -14.91 1.45
C GLU A 347 -27.34 -15.11 2.79
N LYS A 348 -27.92 -16.28 2.99
CA LYS A 348 -28.67 -16.50 4.21
C LYS A 348 -27.88 -16.04 5.43
N SER A 349 -26.57 -16.33 5.43
CA SER A 349 -25.70 -15.95 6.54
C SER A 349 -25.60 -14.44 6.70
N ILE A 350 -25.50 -13.73 5.58
CA ILE A 350 -25.34 -12.27 5.62
C ILE A 350 -26.52 -11.60 6.31
N GLN A 351 -27.73 -12.10 6.10
CA GLN A 351 -28.89 -11.56 6.82
C GLN A 351 -28.76 -11.73 8.32
N GLN A 352 -27.93 -12.67 8.78
CA GLN A 352 -27.71 -12.88 10.20
C GLN A 352 -26.47 -12.17 10.72
N ARG A 353 -25.49 -11.90 9.85
CA ARG A 353 -24.31 -11.17 10.28
C ARG A 353 -24.65 -9.74 10.69
N LEU A 354 -25.54 -9.08 9.95
CA LEU A 354 -25.93 -7.73 10.29
C LEU A 354 -26.64 -7.69 11.64
N SER A 355 -26.30 -6.68 12.44
CA SER A 355 -26.87 -6.51 13.77
C SER A 355 -27.46 -5.11 13.87
N ILE A 356 -28.72 -5.04 14.31
CA ILE A 356 -29.44 -3.78 14.47
C ILE A 356 -30.04 -3.75 15.86
N GLY A 357 -29.94 -2.60 16.52
CA GLY A 357 -30.52 -2.42 17.83
C GLY A 357 -29.49 -2.39 18.94
N GLN A 358 -29.96 -2.05 20.14
CA GLN A 358 -29.07 -1.95 21.30
C GLN A 358 -28.53 -3.32 21.69
N GLU A 359 -29.40 -4.32 21.77
CA GLU A 359 -28.99 -5.64 22.24
C GLU A 359 -28.07 -6.32 21.23
N SER A 360 -28.36 -6.15 19.93
CA SER A 360 -27.58 -6.83 18.90
C SER A 360 -26.15 -6.32 18.88
N ILE A 361 -25.96 -5.00 19.04
CA ILE A 361 -24.62 -4.43 18.97
C ILE A 361 -23.74 -4.93 20.10
N ASN A 362 -24.27 -4.98 21.32
CA ASN A 362 -23.46 -5.46 22.45
C ASN A 362 -23.25 -6.96 22.38
N SER A 363 -24.12 -7.68 21.66
CA SER A 363 -23.90 -9.10 21.43
C SER A 363 -22.59 -9.33 20.69
N ILE A 364 -22.31 -8.51 19.67
CA ILE A 364 -21.04 -8.60 18.96
C ILE A 364 -19.90 -8.08 19.83
N PHE A 365 -20.14 -7.01 20.59
CA PHE A 365 -19.07 -6.32 21.30
C PHE A 365 -18.30 -7.22 22.26
N LYS A 366 -18.94 -8.26 22.80
CA LYS A 366 -18.23 -9.21 23.64
C LYS A 366 -17.55 -10.31 22.84
N THR A 367 -18.02 -10.58 21.62
CA THR A 367 -17.36 -11.56 20.77
C THR A 367 -15.96 -11.12 20.37
N LEU A 368 -15.78 -9.84 20.06
CA LEU A 368 -14.47 -9.35 19.68
C LEU A 368 -13.56 -9.29 20.91
N PRO A 369 -12.27 -9.60 20.74
CA PRO A 369 -11.37 -9.61 21.89
C PRO A 369 -11.03 -8.20 22.37
N LYS A 370 -10.53 -8.11 23.60
CA LYS A 370 -10.10 -6.84 24.15
C LYS A 370 -8.91 -6.29 23.38
N THR A 371 -8.93 -4.99 23.12
CA THR A 371 -7.88 -4.30 22.39
C THR A 371 -7.24 -3.23 23.27
N LYS A 372 -6.14 -2.67 22.79
CA LYS A 372 -5.45 -1.57 23.47
C LYS A 372 -4.56 -0.93 22.42
N HIS A 373 -4.87 0.32 22.06
CA HIS A 373 -4.14 1.06 21.03
C HIS A 373 -3.11 1.97 21.70
N HIS A 374 -1.95 2.11 21.08
CA HIS A 374 -0.95 3.08 21.52
C HIS A 374 -1.16 4.42 20.82
N LEU A 375 -2.42 4.88 20.89
CA LEU A 375 -2.83 6.06 20.10
C LEU A 375 -2.14 7.38 20.45
N GLN A 376 -2.53 8.02 21.55
CA GLN A 376 -2.00 9.38 21.84
C GLN A 376 -0.56 9.27 22.24
N GLU A 377 -0.07 8.06 22.43
CA GLU A 377 1.39 7.93 22.66
C GLU A 377 1.98 7.82 21.26
N GLN A 378 2.34 6.61 20.80
CA GLN A 378 2.79 6.43 19.42
C GLN A 378 1.67 6.96 18.56
N PRO A 379 1.70 8.18 18.02
CA PRO A 379 0.57 8.65 17.32
C PRO A 379 0.88 9.11 15.92
N ASN A 380 2.02 8.74 15.38
CA ASN A 380 2.29 9.09 13.97
C ASN A 380 1.49 8.09 13.13
N GLU A 381 0.94 7.08 13.79
CA GLU A 381 0.31 6.00 13.02
C GLU A 381 -1.18 5.93 13.27
N TYR A 382 -1.97 6.50 12.38
CA TYR A 382 -3.43 6.53 12.56
C TYR A 382 -3.99 7.61 11.64
N SER A 383 -3.54 7.66 10.41
CA SER A 383 -4.02 8.56 9.38
C SER A 383 -5.54 8.54 9.36
N MET A 384 -6.15 9.72 9.42
CA MET A 384 -7.60 9.82 9.52
C MET A 384 -8.07 11.01 8.69
N GLU A 385 -9.19 10.80 7.99
CA GLU A 385 -9.83 11.87 7.25
C GLU A 385 -11.30 11.94 7.65
N THR A 386 -11.79 13.18 7.71
CA THR A 386 -13.21 13.39 8.06
C THR A 386 -13.83 14.26 6.99
N ILE A 387 -15.06 14.01 6.67
CA ILE A 387 -15.72 14.74 5.57
C ILE A 387 -17.20 14.83 5.83
N SER A 388 -17.81 15.92 5.46
CA SER A 388 -19.19 16.26 5.80
C SER A 388 -20.17 15.35 5.08
N TYR A 389 -21.38 15.29 5.63
CA TYR A 389 -22.51 14.52 5.06
C TYR A 389 -23.67 15.49 4.92
N PRO A 390 -23.75 16.19 3.78
CA PRO A 390 -24.65 17.36 3.68
C PRO A 390 -26.13 17.05 3.85
N GLN A 391 -26.65 16.07 3.11
CA GLN A 391 -28.09 15.83 3.10
C GLN A 391 -28.62 15.44 4.48
N ILE A 392 -27.81 14.77 5.29
CA ILE A 392 -28.23 14.42 6.65
C ILE A 392 -27.58 15.30 7.70
N ASN A 393 -26.82 16.32 7.29
CA ASN A 393 -26.17 17.26 8.20
C ASN A 393 -25.25 16.52 9.18
N GLY A 394 -24.58 15.48 8.69
CA GLY A 394 -23.67 14.73 9.52
C GLY A 394 -22.25 14.76 9.00
N PHE A 395 -21.39 13.90 9.54
CA PHE A 395 -20.00 13.82 9.10
C PHE A 395 -19.56 12.36 9.04
N VAL A 396 -18.55 12.10 8.23
CA VAL A 396 -17.98 10.77 8.06
C VAL A 396 -16.52 10.83 8.49
N ILE A 397 -16.17 9.97 9.44
CA ILE A 397 -14.81 9.88 9.96
C ILE A 397 -14.23 8.54 9.53
N THR A 398 -13.17 8.58 8.73
CA THR A 398 -12.49 7.37 8.26
C THR A 398 -11.13 7.31 8.93
N LEU A 399 -10.85 6.21 9.61
CA LEU A 399 -9.62 6.03 10.37
C LEU A 399 -8.90 4.77 9.92
N HIS A 400 -7.58 4.85 9.82
CA HIS A 400 -6.73 3.71 9.48
C HIS A 400 -5.61 3.60 10.50
N GLY A 401 -5.44 2.42 11.07
CA GLY A 401 -4.41 2.21 12.07
C GLY A 401 -4.23 0.77 12.49
N PHE A 402 -3.91 0.55 13.76
CA PHE A 402 -3.65 -0.78 14.27
C PHE A 402 -4.02 -0.84 15.75
N PHE A 403 -4.19 -2.05 16.26
CA PHE A 403 -4.51 -2.28 17.66
C PHE A 403 -3.87 -3.58 18.14
N GLU A 404 -3.78 -3.72 19.46
CA GLU A 404 -3.15 -4.87 20.11
C GLU A 404 -4.22 -5.67 20.84
N GLU A 405 -4.34 -6.95 20.50
CA GLU A 405 -5.30 -7.83 21.19
C GLU A 405 -4.71 -8.31 22.51
N THR A 406 -4.87 -7.52 23.57
CA THR A 406 -4.25 -7.85 24.84
C THR A 406 -5.05 -8.92 25.58
N GLY A 407 -6.33 -9.09 25.23
CA GLY A 407 -7.20 -10.03 25.90
C GLY A 407 -8.00 -10.88 24.94
N LYS A 408 -8.71 -11.85 25.52
CA LYS A 408 -9.57 -12.77 24.81
C LYS A 408 -11.03 -12.48 25.13
N PRO A 409 -11.94 -12.81 24.20
CA PRO A 409 -13.37 -12.58 24.47
C PRO A 409 -13.88 -13.41 25.64
N GLU A 410 -14.79 -12.84 26.44
CA GLU A 410 -15.36 -13.56 27.57
C GLU A 410 -16.22 -14.74 27.11
N LEU A 411 -17.08 -14.52 26.13
CA LEU A 411 -17.87 -15.62 25.57
C LEU A 411 -17.25 -16.05 24.24
N GLU A 412 -17.03 -17.36 24.09
CA GLU A 412 -16.43 -17.88 22.87
C GLU A 412 -17.43 -17.90 21.72
N SER A 413 -18.71 -18.04 22.04
CA SER A 413 -19.84 -18.22 21.14
C SER A 413 -19.81 -19.58 20.45
N ASN A 414 -18.80 -20.41 20.71
CA ASN A 414 -18.72 -21.76 20.15
C ASN A 414 -18.61 -22.82 21.24
N LYS A 415 -18.98 -22.46 22.48
CA LYS A 415 -18.91 -23.40 23.59
C LYS A 415 -20.31 -23.67 24.14
N LYS A 416 -21.15 -22.64 24.18
CA LYS A 416 -22.52 -22.82 24.67
C LYS A 416 -23.37 -23.57 23.64
N THR A 417 -23.05 -23.41 22.36
CA THR A 417 -23.75 -24.11 21.29
C THR A 417 -22.83 -24.87 20.34
N GLY A 418 -21.64 -24.34 20.05
CA GLY A 418 -20.69 -25.02 19.20
C GLY A 418 -20.21 -26.32 19.80
N LYS A 419 -19.92 -27.31 18.95
CA LYS A 419 -19.53 -28.67 19.34
C LYS A 419 -20.32 -29.16 20.53
N ASN A 420 -21.66 -29.05 20.45
CA ASN A 420 -22.51 -29.47 21.55
C ASN A 420 -22.34 -30.95 21.85
N ASN A 421 -22.22 -31.77 20.80
CA ASN A 421 -21.86 -33.18 20.98
C ASN A 421 -20.47 -33.27 21.61
N TYR A 422 -20.34 -34.06 22.67
CA TYR A 422 -19.10 -34.14 23.42
C TYR A 422 -18.14 -35.10 22.71
N GLN A 423 -17.01 -35.41 23.35
CA GLN A 423 -16.01 -36.34 22.83
C GLN A 423 -15.37 -35.80 21.55
N LYS A 424 -16.13 -35.79 20.46
CA LYS A 424 -15.60 -35.32 19.18
C LYS A 424 -15.30 -33.82 19.24
N ASN A 425 -14.11 -33.44 18.81
CA ASN A 425 -13.71 -32.04 18.79
C ASN A 425 -14.41 -31.31 17.65
N ARG A 426 -14.13 -29.99 17.53
CA ARG A 426 -14.81 -29.11 16.54
C ARG A 426 -14.61 -29.55 15.09
N ARG A 427 -13.80 -28.82 14.31
CA ARG A 427 -13.65 -29.16 12.86
C ARG A 427 -12.17 -29.31 12.43
N TYR A 428 -11.63 -28.33 11.72
CA TYR A 428 -10.29 -28.51 11.10
C TYR A 428 -9.16 -28.56 12.11
N ASN A 429 -9.40 -29.14 13.30
CA ASN A 429 -8.28 -29.32 14.25
C ASN A 429 -7.43 -28.06 14.28
N HIS A 430 -7.77 -27.07 15.11
CA HIS A 430 -7.06 -25.76 15.04
C HIS A 430 -5.61 -25.95 15.43
N GLY A 431 -5.09 -27.18 15.32
CA GLY A 431 -3.68 -27.47 15.61
C GLY A 431 -2.78 -26.82 14.57
N TYR A 432 -2.82 -25.49 14.46
CA TYR A 432 -1.96 -24.72 13.51
C TYR A 432 -2.68 -24.64 12.16
N ASN A 433 -3.77 -25.38 12.00
CA ASN A 433 -4.42 -25.45 10.67
C ASN A 433 -5.07 -24.12 10.28
N SER A 434 -5.72 -24.06 9.13
CA SER A 434 -6.51 -22.87 8.75
C SER A 434 -5.64 -21.67 8.47
N THR A 435 -6.25 -20.48 8.42
CA THR A 435 -5.45 -19.27 8.29
C THR A 435 -4.25 -19.65 9.12
N SER A 436 -4.48 -20.32 10.26
CA SER A 436 -3.38 -20.85 11.12
C SER A 436 -3.76 -20.92 12.61
N ASN A 437 -4.89 -20.35 13.05
CA ASN A 437 -5.23 -20.53 14.48
C ASN A 437 -6.19 -19.50 14.97
N ASN A 438 -5.88 -18.95 16.15
CA ASN A 438 -6.74 -17.96 16.81
C ASN A 438 -5.90 -17.34 17.90
N LYS A 439 -4.66 -17.06 17.60
CA LYS A 439 -3.79 -16.60 18.69
C LYS A 439 -4.20 -15.22 19.08
N LEU A 440 -3.32 -14.51 19.78
CA LEU A 440 -3.60 -13.11 20.14
C LEU A 440 -2.42 -12.26 19.65
N SER A 441 -2.68 -11.28 18.79
CA SER A 441 -1.52 -10.59 18.18
C SER A 441 -1.92 -9.31 17.50
N LYS A 442 -0.95 -8.53 17.09
CA LYS A 442 -1.25 -7.20 16.55
C LYS A 442 -1.89 -7.35 15.20
N LYS A 443 -2.85 -6.54 14.89
CA LYS A 443 -3.61 -6.49 13.64
C LYS A 443 -3.95 -5.04 13.32
N SER A 444 -3.90 -4.71 12.03
CA SER A 444 -4.30 -3.40 11.55
C SER A 444 -5.81 -3.35 11.34
N PHE A 445 -6.33 -2.14 11.15
CA PHE A 445 -7.77 -1.98 10.99
C PHE A 445 -8.06 -0.66 10.28
N ASP A 446 -9.18 -0.65 9.55
CA ASP A 446 -9.69 0.55 8.90
C ASP A 446 -11.13 0.75 9.34
N ARG A 447 -11.40 1.87 10.02
CA ARG A 447 -12.70 2.11 10.61
C ARG A 447 -13.27 3.41 10.05
N THR A 448 -14.54 3.37 9.66
CA THR A 448 -15.25 4.53 9.14
C THR A 448 -16.50 4.77 9.96
N TRP A 449 -16.87 6.03 10.14
CA TRP A 449 -17.94 6.40 11.04
C TRP A 449 -18.96 7.28 10.34
N VAL A 450 -20.19 7.23 10.83
CA VAL A 450 -21.27 8.11 10.37
C VAL A 450 -22.01 8.59 11.61
N ILE A 451 -21.88 9.89 11.92
CA ILE A 451 -22.43 10.46 13.14
C ILE A 451 -23.36 11.63 12.77
N VAL A 452 -24.53 11.64 13.38
CA VAL A 452 -25.49 12.74 13.23
C VAL A 452 -25.47 13.56 14.50
N PRO A 453 -25.10 14.83 14.45
CA PRO A 453 -25.06 15.66 15.66
C PRO A 453 -26.46 15.99 16.15
N MET A 454 -26.56 16.16 17.47
CA MET A 454 -27.82 16.48 18.13
C MET A 454 -27.55 17.54 19.19
N ASN A 455 -28.62 18.22 19.61
CA ASN A 455 -28.50 19.25 20.64
C ASN A 455 -28.05 18.64 21.96
N ASN A 456 -28.61 17.49 22.32
CA ASN A 456 -28.23 16.83 23.57
C ASN A 456 -26.86 16.18 23.46
N SER A 457 -26.72 15.20 22.56
CA SER A 457 -25.45 14.51 22.36
C SER A 457 -25.52 13.74 21.05
N VAL A 458 -24.35 13.55 20.45
CA VAL A 458 -24.26 12.88 19.16
C VAL A 458 -24.55 11.39 19.32
N ILE A 459 -25.14 10.80 18.29
CA ILE A 459 -25.42 9.36 18.26
C ILE A 459 -24.88 8.80 16.95
N ILE A 460 -24.36 7.59 17.01
CA ILE A 460 -23.73 6.96 15.84
C ILE A 460 -24.81 6.35 14.96
N ALA A 461 -24.74 6.64 13.65
CA ALA A 461 -25.71 6.09 12.71
C ALA A 461 -25.28 4.72 12.21
N SER A 462 -24.08 4.63 11.63
CA SER A 462 -23.54 3.39 11.12
C SER A 462 -22.11 3.22 11.56
N ASP A 463 -21.70 1.95 11.71
CA ASP A 463 -20.35 1.62 12.17
C ASP A 463 -19.82 0.47 11.33
N LEU A 464 -18.77 0.74 10.55
CA LEU A 464 -18.10 -0.27 9.74
C LEU A 464 -16.69 -0.48 10.26
N LEU A 465 -16.30 -1.75 10.41
CA LEU A 465 -14.97 -2.11 10.87
C LEU A 465 -14.37 -3.12 9.91
N THR A 466 -13.17 -2.80 9.41
CA THR A 466 -12.46 -3.68 8.49
C THR A 466 -11.12 -4.04 9.11
N VAL A 467 -10.88 -5.33 9.30
CA VAL A 467 -9.67 -5.85 9.94
C VAL A 467 -8.86 -6.59 8.89
N ARG A 468 -7.55 -6.35 8.87
CA ARG A 468 -6.65 -6.98 7.93
C ARG A 468 -5.36 -7.34 8.66
N ALA A 469 -4.45 -8.00 7.95
CA ALA A 469 -3.15 -8.33 8.51
C ALA A 469 -2.35 -7.06 8.79
N TYR A 470 -1.51 -7.12 9.82
CA TYR A 470 -0.74 -5.94 10.21
C TYR A 470 0.29 -5.60 9.16
N SER A 471 0.44 -4.30 8.89
CA SER A 471 1.41 -3.80 7.93
C SER A 471 1.70 -2.33 8.23
N THR A 472 2.83 -1.85 7.73
CA THR A 472 3.23 -0.48 7.99
C THR A 472 2.40 0.49 7.17
N GLY A 473 2.41 1.77 7.58
CA GLY A 473 1.66 2.77 6.85
C GLY A 473 2.45 3.30 5.67
N ALA A 474 1.73 3.88 4.71
CA ALA A 474 2.36 4.46 3.53
C ALA A 474 2.72 5.93 3.74
N TRP A 475 2.21 6.53 4.81
CA TRP A 475 2.43 7.95 5.08
C TRP A 475 3.69 8.16 5.90
N LYS A 476 4.47 7.09 6.10
CA LYS A 476 5.68 7.14 6.91
C LYS A 476 6.75 8.01 6.23
N THR A 477 7.88 8.19 6.91
CA THR A 477 9.00 8.95 6.38
C THR A 477 10.34 8.40 6.87
N MET B 8 -37.22 1.69 9.25
CA MET B 8 -37.27 0.63 8.21
C MET B 8 -35.86 0.19 7.82
N VAL B 9 -35.22 -0.63 8.64
CA VAL B 9 -33.89 -1.17 8.22
C VAL B 9 -34.09 -2.24 7.12
N MET B 10 -34.06 -1.88 5.82
CA MET B 10 -34.15 -2.80 4.71
C MET B 10 -32.85 -3.60 4.60
N ASN B 11 -32.99 -4.93 4.57
CA ASN B 11 -31.83 -5.81 4.45
C ASN B 11 -32.30 -7.10 3.76
N ASP B 12 -32.08 -7.17 2.45
CA ASP B 12 -32.46 -8.33 1.64
C ASP B 12 -31.28 -8.73 0.77
N ALA B 13 -31.18 -10.02 0.47
CA ALA B 13 -30.05 -10.54 -0.30
C ALA B 13 -30.07 -10.01 -1.73
N ASN B 14 -31.26 -9.70 -2.26
CA ASN B 14 -31.34 -9.23 -3.63
C ASN B 14 -30.63 -7.89 -3.81
N GLN B 15 -30.77 -6.98 -2.83
CA GLN B 15 -30.07 -5.71 -2.90
C GLN B 15 -28.57 -5.88 -2.75
N ALA B 16 -28.15 -6.86 -1.95
CA ALA B 16 -26.72 -7.06 -1.70
C ALA B 16 -25.97 -7.45 -2.97
N GLN B 17 -26.62 -8.24 -3.84
CA GLN B 17 -25.96 -8.66 -5.08
C GLN B 17 -25.65 -7.47 -5.98
N ILE B 18 -26.54 -6.49 -6.03
CA ILE B 18 -26.35 -5.33 -6.90
C ILE B 18 -25.14 -4.53 -6.46
N THR B 19 -24.92 -4.42 -5.14
CA THR B 19 -23.77 -3.69 -4.63
C THR B 19 -22.46 -4.34 -5.07
N ALA B 20 -22.42 -5.68 -5.04
CA ALA B 20 -21.18 -6.38 -5.38
C ALA B 20 -20.78 -6.13 -6.83
N THR B 21 -21.74 -6.18 -7.75
CA THR B 21 -21.41 -6.01 -9.16
C THR B 21 -21.17 -4.54 -9.49
N PHE B 22 -21.87 -3.63 -8.81
CA PHE B 22 -21.68 -2.21 -9.08
C PHE B 22 -20.27 -1.76 -8.70
N THR B 23 -19.77 -2.23 -7.56
CA THR B 23 -18.40 -1.88 -7.16
C THR B 23 -17.39 -2.46 -8.14
N LYS B 24 -17.64 -3.67 -8.65
CA LYS B 24 -16.78 -4.25 -9.66
C LYS B 24 -16.94 -3.56 -11.02
N LYS B 25 -18.00 -2.76 -11.20
CA LYS B 25 -18.24 -2.07 -12.46
C LYS B 25 -17.51 -0.73 -12.52
N ILE B 26 -17.52 0.02 -11.40
CA ILE B 26 -16.86 1.33 -11.38
C ILE B 26 -15.35 1.18 -11.53
N LEU B 27 -14.78 0.11 -10.96
CA LEU B 27 -13.34 -0.11 -11.08
C LEU B 27 -12.91 -0.33 -12.52
N ALA B 28 -13.79 -0.94 -13.33
CA ALA B 28 -13.46 -1.21 -14.73
C ALA B 28 -13.22 0.07 -15.50
N HIS B 29 -14.04 1.11 -15.28
CA HIS B 29 -13.84 2.37 -15.97
C HIS B 29 -12.51 3.00 -15.60
N LEU B 30 -12.13 2.90 -14.32
CA LEU B 30 -10.85 3.45 -13.89
C LEU B 30 -9.66 2.73 -14.51
N ASP B 31 -9.88 1.50 -14.99
CA ASP B 31 -8.80 0.66 -15.48
C ASP B 31 -8.59 0.75 -16.99
N ASP B 32 -9.44 1.48 -17.70
CA ASP B 32 -9.36 1.53 -19.16
C ASP B 32 -8.37 2.58 -19.62
N PRO B 33 -7.34 2.22 -20.40
CA PRO B 33 -6.40 3.24 -20.89
C PRO B 33 -6.94 4.06 -22.04
N ASP B 34 -8.19 3.79 -22.46
CA ASP B 34 -8.87 4.49 -23.58
C ASP B 34 -9.03 5.94 -23.23
N SER B 35 -9.19 6.78 -24.22
CA SER B 35 -9.46 8.18 -23.93
C SER B 35 -10.81 8.67 -24.39
N ASN B 36 -11.30 8.19 -25.55
CA ASN B 36 -12.56 8.71 -26.08
C ASN B 36 -13.74 8.25 -25.24
N LYS B 37 -13.61 7.11 -24.57
CA LYS B 37 -14.72 6.55 -23.81
C LYS B 37 -14.83 7.24 -22.44
N LEU B 38 -13.78 7.94 -22.03
CA LEU B 38 -13.68 8.55 -20.70
C LEU B 38 -14.86 9.45 -20.37
N ALA B 39 -15.46 10.07 -21.40
CA ALA B 39 -16.59 10.97 -21.17
C ALA B 39 -17.77 10.23 -20.55
N GLN B 40 -17.86 8.92 -20.78
CA GLN B 40 -18.95 8.14 -20.21
C GLN B 40 -18.85 8.08 -18.69
N PHE B 41 -17.65 7.77 -18.17
CA PHE B 41 -17.48 7.62 -16.73
C PHE B 41 -17.85 8.89 -15.97
N VAL B 42 -17.80 10.04 -16.64
CA VAL B 42 -18.23 11.30 -16.02
C VAL B 42 -19.70 11.30 -15.64
N GLN B 43 -20.56 10.65 -16.42
CA GLN B 43 -22.00 10.73 -16.20
C GLN B 43 -22.40 10.12 -14.87
N LEU B 44 -21.67 9.11 -14.41
CA LEU B 44 -21.98 8.51 -13.11
C LEU B 44 -21.75 9.49 -11.97
N PHE B 45 -20.70 10.31 -12.07
CA PHE B 45 -20.40 11.29 -11.03
C PHE B 45 -21.43 12.40 -11.03
N ASN B 46 -21.68 12.97 -9.86
CA ASN B 46 -22.68 14.02 -9.71
C ASN B 46 -22.15 15.34 -10.25
N PRO B 47 -22.77 15.91 -11.30
CA PRO B 47 -22.24 17.18 -11.83
C PRO B 47 -22.48 18.37 -10.90
N ASN B 48 -23.59 18.38 -10.17
CA ASN B 48 -23.93 19.55 -9.35
C ASN B 48 -23.04 19.64 -8.12
N ASN B 49 -23.14 18.66 -7.22
CA ASN B 49 -22.32 18.65 -6.02
C ASN B 49 -21.71 17.27 -5.84
N CYS B 50 -20.36 17.25 -5.70
CA CYS B 50 -19.57 15.97 -5.53
C CYS B 50 -18.27 16.22 -4.76
N ARG B 51 -17.76 15.22 -4.03
CA ARG B 51 -16.61 15.50 -3.13
C ARG B 51 -15.52 14.43 -3.22
N ILE B 52 -14.80 14.32 -4.33
CA ILE B 52 -13.72 13.33 -4.32
C ILE B 52 -12.66 13.64 -3.29
N ILE B 53 -11.81 12.69 -2.94
CA ILE B 53 -10.62 12.62 -2.10
C ILE B 53 -9.76 11.48 -2.61
N PHE B 54 -8.56 11.81 -3.11
CA PHE B 54 -7.64 10.82 -3.65
C PHE B 54 -6.30 10.98 -2.95
N ASN B 55 -5.96 10.02 -2.08
CA ASN B 55 -4.72 10.04 -1.31
C ASN B 55 -4.61 11.33 -0.50
N ALA B 56 -5.71 11.71 0.14
CA ALA B 56 -5.78 12.84 1.06
C ALA B 56 -5.44 14.19 0.42
N THR B 57 -5.84 14.40 -0.83
CA THR B 57 -5.81 15.74 -1.42
C THR B 57 -7.15 16.01 -2.09
N PRO B 58 -7.83 17.11 -1.73
CA PRO B 58 -9.19 17.33 -2.23
C PRO B 58 -9.21 17.74 -3.70
N PHE B 59 -10.28 17.32 -4.39
CA PHE B 59 -10.54 17.72 -5.76
C PHE B 59 -11.92 18.37 -5.79
N ALA B 60 -11.97 19.63 -6.24
CA ALA B 60 -13.23 20.37 -6.24
C ALA B 60 -14.20 19.83 -7.28
N GLN B 61 -13.69 19.49 -8.47
CA GLN B 61 -14.51 19.03 -9.57
C GLN B 61 -14.18 17.59 -9.91
N ALA B 62 -15.22 16.81 -10.24
CA ALA B 62 -15.01 15.41 -10.61
C ALA B 62 -14.42 15.29 -12.01
N THR B 63 -14.81 16.20 -12.91
CA THR B 63 -14.34 16.13 -14.29
C THR B 63 -12.82 16.31 -14.39
N VAL B 64 -12.28 17.27 -13.64
CA VAL B 64 -10.85 17.53 -13.71
C VAL B 64 -10.05 16.36 -13.14
N PHE B 65 -10.62 15.65 -12.16
CA PHE B 65 -9.93 14.50 -11.58
C PHE B 65 -9.83 13.34 -12.56
N LEU B 66 -10.71 13.27 -13.56
CA LEU B 66 -10.63 12.23 -14.58
C LEU B 66 -9.62 12.52 -15.68
N GLN B 67 -9.41 13.79 -16.04
CA GLN B 67 -8.33 14.10 -16.97
C GLN B 67 -6.98 13.86 -16.30
N MET B 68 -6.94 13.93 -14.97
CA MET B 68 -5.75 13.56 -14.23
C MET B 68 -5.42 12.08 -14.40
N TRP B 69 -6.45 11.23 -14.30
CA TRP B 69 -6.24 9.78 -14.34
C TRP B 69 -5.78 9.30 -15.71
N GLN B 70 -5.89 10.12 -16.75
CA GLN B 70 -5.52 9.71 -18.09
C GLN B 70 -4.24 10.40 -18.59
N ASN B 71 -3.88 11.54 -18.02
CA ASN B 71 -2.76 12.33 -18.52
C ASN B 71 -1.43 11.96 -17.88
N GLN B 72 -1.32 12.09 -16.55
CA GLN B 72 -0.05 11.90 -15.87
C GLN B 72 -0.04 10.68 -14.94
N VAL B 73 -0.97 9.75 -15.11
CA VAL B 73 -1.02 8.53 -14.31
C VAL B 73 -0.87 7.33 -15.24
N VAL B 74 0.01 6.40 -14.86
CA VAL B 74 0.28 5.21 -15.67
C VAL B 74 -0.90 4.25 -15.57
N GLN B 75 -0.90 3.23 -16.43
CA GLN B 75 -1.99 2.25 -16.45
C GLN B 75 -2.05 1.51 -15.12
N THR B 76 -3.27 1.23 -14.67
CA THR B 76 -3.52 0.60 -13.39
C THR B 76 -4.24 -0.73 -13.58
N GLN B 77 -4.25 -1.64 -12.61
CA GLN B 77 -5.08 -2.88 -12.77
C GLN B 77 -5.58 -3.40 -11.43
N HIS B 78 -6.70 -2.89 -10.89
CA HIS B 78 -7.20 -3.18 -9.54
C HIS B 78 -7.56 -4.65 -9.35
N ALA B 79 -8.17 -5.09 -8.23
CA ALA B 79 -8.38 -6.54 -7.90
C ALA B 79 -9.11 -6.72 -6.59
N LEU B 80 -10.42 -6.74 -6.55
CA LEU B 80 -11.26 -6.63 -5.37
C LEU B 80 -10.96 -7.75 -4.38
N THR B 81 -11.04 -7.43 -3.10
CA THR B 81 -10.82 -8.40 -2.04
C THR B 81 -11.87 -8.35 -0.93
N GLY B 82 -12.58 -7.24 -0.78
CA GLY B 82 -13.59 -7.13 0.25
C GLY B 82 -14.50 -5.94 0.09
N VAL B 83 -15.83 -6.16 0.20
CA VAL B 83 -16.82 -5.10 0.07
C VAL B 83 -17.92 -5.33 1.08
N ASP B 84 -18.42 -4.26 1.64
CA ASP B 84 -19.51 -4.34 2.64
C ASP B 84 -20.17 -3.01 2.62
N TYR B 85 -21.42 -2.89 2.96
CA TYR B 85 -22.25 -1.70 2.80
C TYR B 85 -23.23 -1.58 3.97
N HIS B 86 -23.85 -0.44 4.03
CA HIS B 86 -24.83 -0.19 5.11
C HIS B 86 -25.78 0.86 4.56
N ALA B 87 -27.11 0.63 4.55
CA ALA B 87 -28.14 1.53 4.07
C ALA B 87 -28.66 2.35 5.25
N ILE B 88 -28.51 3.66 5.17
CA ILE B 88 -28.91 4.57 6.24
C ILE B 88 -30.41 4.82 6.11
N PRO B 89 -31.23 4.49 7.10
CA PRO B 89 -32.66 4.73 7.00
C PRO B 89 -32.99 6.22 6.96
N GLY B 90 -34.03 6.54 6.19
CA GLY B 90 -34.45 7.92 6.05
C GLY B 90 -33.62 8.71 5.06
N SER B 91 -32.31 8.45 5.04
CA SER B 91 -31.41 9.17 4.15
C SER B 91 -31.72 8.92 2.69
N GLY B 92 -32.04 7.67 2.34
CA GLY B 92 -32.13 7.32 0.93
C GLY B 92 -30.79 7.14 0.26
N THR B 93 -29.71 7.06 1.04
CA THR B 93 -28.37 6.87 0.52
C THR B 93 -27.68 5.77 1.34
N LEU B 94 -26.70 5.13 0.73
CA LEU B 94 -25.97 4.04 1.37
C LEU B 94 -24.47 4.26 1.23
N ILE B 95 -23.71 3.69 2.16
CA ILE B 95 -22.26 3.83 2.20
C ILE B 95 -21.63 2.44 2.11
N CYS B 96 -20.63 2.31 1.25
CA CYS B 96 -19.97 1.03 1.01
C CYS B 96 -18.47 1.15 1.31
N ASN B 97 -17.94 0.13 1.96
CA ASN B 97 -16.52 0.04 2.28
C ASN B 97 -15.87 -0.94 1.32
N VAL B 98 -14.83 -0.48 0.61
CA VAL B 98 -14.20 -1.25 -0.44
C VAL B 98 -12.71 -1.38 -0.18
N ASN B 99 -12.19 -2.58 -0.37
CA ASN B 99 -10.76 -2.85 -0.27
C ASN B 99 -10.32 -3.53 -1.55
N CYS B 100 -9.16 -3.13 -2.08
CA CYS B 100 -8.66 -3.67 -3.33
C CYS B 100 -7.15 -3.46 -3.41
N LYS B 101 -6.52 -4.18 -4.33
CA LYS B 101 -5.10 -4.04 -4.60
C LYS B 101 -4.91 -3.22 -5.88
N VAL B 102 -3.66 -2.83 -6.14
CA VAL B 102 -3.33 -1.94 -7.25
C VAL B 102 -1.98 -2.34 -7.85
N ARG B 103 -1.93 -2.37 -9.18
CA ARG B 103 -0.68 -2.55 -9.90
C ARG B 103 -0.54 -1.41 -10.90
N PHE B 104 0.69 -0.92 -11.05
CA PHE B 104 1.02 0.07 -12.06
C PHE B 104 1.97 -0.54 -13.09
N ASP B 105 1.81 -0.10 -14.34
CA ASP B 105 2.67 -0.55 -15.43
C ASP B 105 4.01 0.14 -15.31
N GLU B 106 5.03 -0.60 -14.86
CA GLU B 106 6.36 -0.05 -14.65
C GLU B 106 7.27 -0.23 -15.86
N SER B 107 6.71 -0.46 -17.04
CA SER B 107 7.53 -0.64 -18.24
C SER B 107 8.28 0.64 -18.59
N GLY B 108 7.64 1.80 -18.49
CA GLY B 108 8.33 3.05 -18.73
C GLY B 108 7.66 3.99 -19.72
N ARG B 109 6.39 3.78 -20.02
CA ARG B 109 5.61 4.71 -20.84
C ARG B 109 4.24 4.90 -20.21
N ASP B 110 3.60 6.01 -20.57
CA ASP B 110 2.31 6.39 -20.00
C ASP B 110 1.18 5.80 -20.85
N LYS B 111 -0.04 6.27 -20.60
CA LYS B 111 -1.22 5.76 -21.30
C LYS B 111 -1.18 6.02 -22.81
N MET B 112 -0.77 7.21 -23.23
CA MET B 112 -0.76 7.55 -24.64
C MET B 112 0.23 6.73 -25.45
N GLY B 113 1.31 6.26 -24.83
CA GLY B 113 2.26 5.41 -25.51
C GLY B 113 3.50 6.14 -25.98
N GLN B 114 3.98 7.09 -25.19
CA GLN B 114 5.20 7.83 -25.49
C GLN B 114 6.27 7.49 -24.47
N ASP B 115 7.42 7.07 -24.96
CA ASP B 115 8.53 6.68 -24.09
C ASP B 115 9.26 7.92 -23.59
N ALA B 116 10.30 7.69 -22.78
CA ALA B 116 11.10 8.77 -22.23
C ALA B 116 12.31 9.13 -23.09
N THR B 117 12.70 8.26 -24.02
CA THR B 117 13.84 8.55 -24.87
C THR B 117 13.46 9.56 -25.95
N VAL B 118 14.31 10.57 -26.12
CA VAL B 118 14.06 11.65 -27.08
C VAL B 118 14.40 11.16 -28.48
N PRO B 119 13.48 11.29 -29.44
CA PRO B 119 13.80 10.88 -30.82
C PRO B 119 14.64 11.93 -31.55
N ILE B 120 15.87 11.56 -31.91
CA ILE B 120 16.76 12.47 -32.61
C ILE B 120 17.07 11.88 -33.98
N GLN B 121 16.18 11.03 -34.47
CA GLN B 121 16.36 10.40 -35.77
C GLN B 121 15.24 10.80 -36.73
N MET B 134 5.65 -6.25 -35.66
CA MET B 134 5.13 -6.51 -34.32
C MET B 134 4.33 -5.33 -33.80
N ASN B 135 3.37 -5.62 -32.93
CA ASN B 135 2.51 -4.59 -32.36
C ASN B 135 3.08 -4.06 -31.05
N LYS B 136 2.26 -3.31 -30.32
CA LYS B 136 2.65 -2.66 -29.07
C LYS B 136 3.11 -3.68 -28.05
N PRO B 137 4.29 -3.49 -27.44
CA PRO B 137 4.74 -4.41 -26.40
C PRO B 137 3.74 -4.55 -25.27
N ARG B 138 3.60 -5.77 -24.76
CA ARG B 138 2.73 -6.03 -23.63
C ARG B 138 3.28 -5.35 -22.37
N PRO B 139 2.43 -4.71 -21.57
CA PRO B 139 2.93 -4.00 -20.39
C PRO B 139 3.51 -4.96 -19.35
N LEU B 140 4.50 -4.47 -18.60
CA LEU B 140 5.13 -5.21 -17.52
C LEU B 140 4.65 -4.60 -16.20
N TRP B 141 3.97 -5.41 -15.40
CA TRP B 141 3.34 -4.92 -14.17
C TRP B 141 4.30 -4.99 -13.00
N GLY B 142 4.01 -4.19 -11.96
CA GLY B 142 4.84 -4.11 -10.79
C GLY B 142 4.20 -4.76 -9.58
N PRO B 143 4.77 -4.50 -8.40
CA PRO B 143 4.26 -5.12 -7.17
C PRO B 143 2.87 -4.61 -6.81
N TYR B 144 2.24 -5.32 -5.87
CA TYR B 144 0.90 -4.99 -5.40
C TYR B 144 0.93 -3.87 -4.38
N PHE B 145 -0.14 -3.12 -4.27
CA PHE B 145 -0.16 -2.02 -3.29
C PHE B 145 -1.25 -2.33 -2.31
N GLY B 146 -1.84 -1.36 -1.66
CA GLY B 146 -2.97 -1.53 -0.77
C GLY B 146 -3.91 -0.36 -0.78
N ILE B 147 -5.22 -0.62 -0.92
CA ILE B 147 -6.22 0.42 -1.03
C ILE B 147 -7.37 0.11 -0.07
N SER B 148 -7.95 1.19 0.47
CA SER B 148 -9.15 1.11 1.30
C SER B 148 -10.07 2.25 0.88
N LEU B 149 -11.12 1.94 0.13
CA LEU B 149 -11.95 2.94 -0.51
C LEU B 149 -13.33 2.99 0.14
N GLN B 150 -13.73 4.20 0.52
CA GLN B 150 -15.07 4.47 1.01
C GLN B 150 -15.76 5.40 0.01
N LEU B 151 -17.02 5.09 -0.31
CA LEU B 151 -17.77 5.90 -1.26
C LEU B 151 -19.21 5.99 -0.83
N ILE B 152 -19.87 7.08 -1.23
CA ILE B 152 -21.25 7.36 -0.85
C ILE B 152 -22.12 7.31 -2.11
N ILE B 153 -23.16 6.48 -2.09
CA ILE B 153 -24.05 6.31 -3.23
C ILE B 153 -25.49 6.42 -2.74
N ASP B 154 -26.38 6.87 -3.62
CA ASP B 154 -27.80 6.84 -3.33
C ASP B 154 -28.38 5.47 -3.70
N ASP B 155 -29.64 5.27 -3.33
CA ASP B 155 -30.32 3.99 -3.54
C ASP B 155 -30.92 3.84 -4.93
N ARG B 156 -30.81 4.84 -5.80
CA ARG B 156 -31.46 4.58 -7.11
C ARG B 156 -30.64 3.53 -7.87
N ILE B 157 -29.36 3.30 -7.54
CA ILE B 157 -28.62 2.25 -8.25
C ILE B 157 -29.37 0.93 -8.19
N PHE B 158 -30.14 0.72 -7.15
CA PHE B 158 -30.91 -0.54 -7.18
C PHE B 158 -31.92 -0.50 -8.34
N ARG B 159 -32.40 0.65 -8.80
CA ARG B 159 -33.43 0.76 -9.82
C ARG B 159 -32.87 0.83 -11.23
N ASN B 160 -31.61 0.45 -11.42
CA ASN B 160 -31.00 0.32 -12.74
C ASN B 160 -30.90 1.66 -13.46
N ASP B 161 -30.47 2.71 -12.75
CA ASP B 161 -30.15 3.98 -13.35
C ASP B 161 -28.83 4.48 -12.79
N PHE B 162 -27.94 4.97 -13.66
CA PHE B 162 -26.59 5.33 -13.26
C PHE B 162 -26.20 6.73 -13.70
N ASN B 163 -27.09 7.71 -13.50
CA ASN B 163 -26.80 9.10 -13.85
C ASN B 163 -26.69 9.94 -12.59
N GLY B 164 -25.50 10.45 -12.31
CA GLY B 164 -25.29 11.28 -11.13
C GLY B 164 -25.61 10.59 -9.82
N VAL B 165 -25.12 9.35 -9.65
CA VAL B 165 -25.47 8.55 -8.48
C VAL B 165 -24.32 8.57 -7.47
N ILE B 166 -23.14 8.95 -7.91
CA ILE B 166 -21.96 8.97 -7.03
C ILE B 166 -21.88 10.34 -6.37
N SER B 167 -21.88 10.35 -5.03
CA SER B 167 -21.80 11.57 -4.26
C SER B 167 -20.57 11.64 -3.37
N GLY B 168 -20.01 10.50 -3.00
CA GLY B 168 -18.79 10.48 -2.20
C GLY B 168 -17.80 9.47 -2.76
N PHE B 169 -16.51 9.82 -2.66
CA PHE B 169 -15.46 8.97 -3.20
C PHE B 169 -14.17 9.28 -2.45
N ASN B 170 -13.81 8.38 -1.52
CA ASN B 170 -12.61 8.53 -0.70
C ASN B 170 -11.64 7.42 -1.07
N TYR B 171 -10.79 7.67 -2.07
CA TYR B 171 -9.80 6.71 -2.54
C TYR B 171 -8.49 6.99 -1.81
N ASN B 172 -8.11 6.09 -0.91
CA ASN B 172 -6.90 6.25 -0.13
C ASN B 172 -6.13 4.94 -0.12
N MET B 173 -4.83 5.04 0.14
CA MET B 173 -3.97 3.86 0.20
C MET B 173 -3.37 3.78 1.61
N VAL B 174 -3.15 2.55 2.06
CA VAL B 174 -2.78 2.31 3.45
C VAL B 174 -1.36 1.78 3.59
N TYR B 175 -0.90 0.98 2.62
CA TYR B 175 0.48 0.50 2.67
C TYR B 175 1.10 0.49 1.28
N LYS B 176 2.42 0.28 1.22
CA LYS B 176 3.13 0.28 -0.05
C LYS B 176 4.40 -0.57 0.06
N PRO B 177 4.83 -1.19 -1.03
CA PRO B 177 6.11 -1.90 -1.04
C PRO B 177 7.25 -0.98 -1.47
N GLU B 178 8.46 -1.34 -1.06
CA GLU B 178 9.66 -0.58 -1.40
C GLU B 178 10.22 -0.93 -2.77
N ASP B 179 9.83 -2.07 -3.33
CA ASP B 179 10.35 -2.47 -4.65
C ASP B 179 9.70 -1.68 -5.77
N SER B 180 8.51 -1.13 -5.55
CA SER B 180 7.81 -0.40 -6.60
C SER B 180 8.58 0.86 -7.00
N LEU B 181 8.59 1.14 -8.30
CA LEU B 181 9.29 2.34 -8.79
C LEU B 181 8.52 3.61 -8.45
N LEU B 182 7.20 3.51 -8.25
CA LEU B 182 6.41 4.68 -7.89
C LEU B 182 6.81 5.19 -6.52
N LYS B 183 6.89 6.51 -6.39
CA LYS B 183 7.33 7.16 -5.16
C LYS B 183 6.11 7.80 -4.49
N ILE B 184 5.69 7.24 -3.37
CA ILE B 184 4.57 7.78 -2.61
C ILE B 184 5.06 8.27 -1.25
#